data_1YVZ
#
_entry.id   1YVZ
#
_cell.length_a   60.579
_cell.length_b   214.624
_cell.length_c   124.041
_cell.angle_alpha   90.00
_cell.angle_beta   90.00
_cell.angle_gamma   90.00
#
_symmetry.space_group_name_H-M   'C 2 2 21'
#
loop_
_entity.id
_entity.type
_entity.pdbx_description
1 polymer 'RNA dependent RNA polymerase'
2 non-polymer 'SULFATE ION'
3 non-polymer '3-[(2,4-DICHLOROBENZOYL)(ISOPROPYL)AMINO]-5-PHENYLTHIOPHENE-2-CARBOXYLIC ACID'
4 water water
#
_entity_poly.entity_id   1
_entity_poly.type   'polypeptide(L)'
_entity_poly.pdbx_seq_one_letter_code
;SMSYSWTGALITPCSPEEEKLPINPLSNSLLRYHNKVYCTTSKSASLRAKKVTFDRMQVLDAYYDSVLKDIKLAASKVSA
RLLTLEEACQLTPPHSARSKYGFGAKEVRSLSGRAVNHIKSVWKDLLEDSQTPIPTTIMAKNEVFCVDPTKGGKKAARLI
VYPDLGVRVCEKMALYDVTQKLPQAVMGASYGFQYSPAQRVEFLLKAWAEKKDPMGFSYDTRCFDSTVTERDIRTEESIY
QACSLPEEARTAIHSLTERLYVGGPMFNSKGQSCGYRRCRASGVLTTSMGNTITCYVKALAACKAAGIVAPTMLVCGDDL
VVISESQGTEEDERNLRAFTEAMTRYSAPPGDPPRPEYDLELITSCSSNVSVALGPQGRRRYYLTRDPTTPIARAAWETV
RHSPVNSWLGNIIQYAPTIWVRMVLMTHFFSILMAQDTLDQNLNFEMYGSVYSVSPLDLPAIIERLHGLDAFSLHTYTPH
ELTRVASALRKLGAPPLRAWKSRARAVRASLISRGGRAAVCGRYLFNWAVKTKLKLTPLPEARLLDLSSWFTVGAGGGDI
YHSVSRARPR
;
_entity_poly.pdbx_strand_id   A
#
loop_
_chem_comp.id
_chem_comp.type
_chem_comp.name
_chem_comp.formula
JPC non-polymer '3-[(2,4-DICHLOROBENZOYL)(ISOPROPYL)AMINO]-5-PHENYLTHIOPHENE-2-CARBOXYLIC ACID' 'C21 H17 Cl2 N O3 S'
SO4 non-polymer 'SULFATE ION' 'O4 S -2'
#
# COMPACT_ATOMS: atom_id res chain seq x y z
N SER A 1 -21.84 14.63 8.43
CA SER A 1 -22.10 13.73 9.58
C SER A 1 -22.27 12.27 9.16
N MET A 2 -23.11 11.99 8.16
CA MET A 2 -23.26 10.61 7.67
C MET A 2 -22.21 10.42 6.58
N SER A 3 -21.37 9.41 6.72
CA SER A 3 -20.33 9.16 5.74
C SER A 3 -20.89 9.06 4.33
N TYR A 4 -22.00 8.35 4.18
CA TYR A 4 -22.64 8.17 2.87
C TYR A 4 -24.16 8.20 2.95
N SER A 5 -24.78 8.48 1.80
CA SER A 5 -26.22 8.46 1.64
C SER A 5 -26.41 7.64 0.37
N TRP A 6 -27.34 6.68 0.38
CA TRP A 6 -27.57 5.84 -0.77
C TRP A 6 -28.99 5.95 -1.33
N THR A 7 -29.11 5.86 -2.64
CA THR A 7 -30.40 5.96 -3.31
C THR A 7 -31.11 4.61 -3.35
N GLY A 8 -30.33 3.54 -3.33
CA GLY A 8 -30.90 2.20 -3.39
C GLY A 8 -30.38 1.49 -4.63
N ALA A 9 -29.90 2.25 -5.60
CA ALA A 9 -29.35 1.66 -6.81
C ALA A 9 -28.16 0.81 -6.37
N LEU A 10 -27.93 -0.28 -7.07
CA LEU A 10 -26.84 -1.19 -6.73
C LEU A 10 -25.49 -0.74 -7.26
N ILE A 11 -24.45 -1.25 -6.64
CA ILE A 11 -23.08 -0.99 -7.04
C ILE A 11 -22.87 -2.15 -7.99
N THR A 12 -22.93 -1.84 -9.27
CA THR A 12 -22.82 -2.83 -10.33
C THR A 12 -21.41 -3.04 -10.85
N PRO A 13 -21.14 -4.22 -11.40
CA PRO A 13 -19.82 -4.53 -11.93
C PRO A 13 -19.71 -3.98 -13.34
N CYS A 14 -18.50 -4.00 -13.90
CA CYS A 14 -18.27 -3.50 -15.24
C CYS A 14 -18.01 -4.67 -16.19
N SER A 15 -17.40 -5.72 -15.65
CA SER A 15 -17.08 -6.93 -16.41
C SER A 15 -17.51 -8.12 -15.57
N PRO A 16 -17.70 -9.29 -16.21
CA PRO A 16 -18.12 -10.46 -15.43
C PRO A 16 -17.01 -10.74 -14.41
N GLU A 17 -17.38 -10.86 -13.15
CA GLU A 17 -16.41 -11.09 -12.09
C GLU A 17 -16.22 -12.56 -11.73
N GLU A 18 -14.95 -12.94 -11.50
CA GLU A 18 -14.61 -14.31 -11.14
C GLU A 18 -14.24 -14.34 -9.66
N GLU A 19 -14.89 -15.22 -8.89
CA GLU A 19 -14.63 -15.32 -7.46
C GLU A 19 -13.69 -16.45 -7.07
N LYS A 20 -13.56 -17.45 -7.95
CA LYS A 20 -12.69 -18.60 -7.68
C LYS A 20 -11.97 -19.10 -8.93
N LEU A 21 -10.79 -19.69 -8.73
CA LEU A 21 -10.02 -20.24 -9.83
C LEU A 21 -10.44 -21.68 -10.05
N PRO A 22 -10.42 -22.14 -11.32
CA PRO A 22 -10.80 -23.52 -11.64
C PRO A 22 -9.79 -24.53 -11.11
N ILE A 23 -8.52 -24.14 -11.10
CA ILE A 23 -7.44 -25.00 -10.61
C ILE A 23 -6.32 -24.13 -10.07
N ASN A 24 -5.85 -24.44 -8.87
CA ASN A 24 -4.77 -23.69 -8.25
C ASN A 24 -3.46 -24.45 -8.33
N PRO A 25 -2.62 -24.14 -9.33
CA PRO A 25 -1.32 -24.80 -9.56
C PRO A 25 -0.18 -24.36 -8.63
N LEU A 26 -0.49 -24.16 -7.35
CA LEU A 26 0.51 -23.77 -6.36
C LEU A 26 0.10 -24.48 -5.08
N SER A 27 -1.20 -24.69 -4.93
CA SER A 27 -1.77 -25.38 -3.79
C SER A 27 -1.84 -26.85 -4.19
N ASN A 28 -0.95 -27.23 -5.11
CA ASN A 28 -0.93 -28.60 -5.60
C ASN A 28 0.39 -29.34 -5.36
N SER A 29 0.24 -30.57 -4.91
CA SER A 29 1.34 -31.49 -4.63
C SER A 29 0.75 -32.85 -4.95
N LEU A 30 1.28 -33.52 -5.97
CA LEU A 30 0.81 -34.83 -6.41
C LEU A 30 -0.49 -35.32 -5.78
N LEU A 31 -0.44 -35.83 -4.55
CA LEU A 31 -1.62 -36.36 -3.87
C LEU A 31 -2.46 -35.39 -3.03
N ARG A 32 -2.04 -34.12 -2.92
CA ARG A 32 -2.80 -33.18 -2.11
C ARG A 32 -3.02 -31.82 -2.79
N TYR A 33 -4.21 -31.64 -3.34
CA TYR A 33 -4.57 -30.40 -4.03
C TYR A 33 -5.66 -29.62 -3.27
N HIS A 34 -5.52 -28.30 -3.25
CA HIS A 34 -6.48 -27.44 -2.57
C HIS A 34 -6.70 -26.14 -3.34
N ASN A 35 -7.71 -25.38 -2.92
CA ASN A 35 -8.04 -24.10 -3.56
C ASN A 35 -8.87 -23.25 -2.59
N LYS A 36 -8.19 -22.61 -1.65
CA LYS A 36 -8.84 -21.76 -0.64
C LYS A 36 -8.75 -20.26 -0.94
N VAL A 37 -8.32 -19.92 -2.14
CA VAL A 37 -8.19 -18.52 -2.53
C VAL A 37 -9.49 -18.00 -3.12
N TYR A 38 -9.76 -16.73 -2.92
CA TYR A 38 -10.98 -16.11 -3.46
C TYR A 38 -10.74 -14.65 -3.82
N CYS A 39 -11.61 -14.11 -4.67
CA CYS A 39 -11.51 -12.73 -5.11
C CYS A 39 -12.80 -12.00 -4.76
N THR A 40 -12.70 -10.83 -4.14
CA THR A 40 -13.88 -10.06 -3.77
C THR A 40 -14.55 -9.57 -5.05
N THR A 41 -15.87 -9.40 -4.99
CA THR A 41 -16.63 -8.94 -6.16
C THR A 41 -17.83 -8.07 -5.76
N SER A 42 -18.52 -7.56 -6.78
CA SER A 42 -19.71 -6.72 -6.62
C SER A 42 -20.73 -7.32 -5.65
N LYS A 43 -20.83 -8.65 -5.66
CA LYS A 43 -21.78 -9.35 -4.80
C LYS A 43 -21.79 -8.93 -3.35
N SER A 44 -20.64 -8.52 -2.83
CA SER A 44 -20.55 -8.10 -1.43
C SER A 44 -20.50 -6.57 -1.28
N ALA A 45 -20.69 -5.85 -2.38
CA ALA A 45 -20.63 -4.39 -2.34
C ALA A 45 -21.62 -3.81 -1.32
N SER A 46 -22.83 -4.36 -1.30
CA SER A 46 -23.85 -3.88 -0.36
C SER A 46 -23.40 -4.09 1.08
N LEU A 47 -22.69 -5.19 1.32
CA LEU A 47 -22.21 -5.46 2.67
C LEU A 47 -21.18 -4.43 3.07
N ARG A 48 -20.28 -4.11 2.15
CA ARG A 48 -19.26 -3.10 2.43
C ARG A 48 -19.95 -1.76 2.65
N ALA A 49 -20.90 -1.43 1.78
CA ALA A 49 -21.62 -0.17 1.90
C ALA A 49 -22.18 0.02 3.30
N LYS A 50 -22.84 -1.02 3.81
CA LYS A 50 -23.41 -0.99 5.14
C LYS A 50 -22.33 -0.68 6.17
N LYS A 51 -21.21 -1.39 6.07
CA LYS A 51 -20.08 -1.20 6.99
C LYS A 51 -19.51 0.21 7.03
N VAL A 52 -19.35 0.83 5.86
CA VAL A 52 -18.75 2.16 5.78
C VAL A 52 -19.71 3.32 5.95
N THR A 53 -21.00 3.01 6.10
CA THR A 53 -22.02 4.05 6.27
C THR A 53 -22.41 4.21 7.72
N PHE A 54 -22.00 5.33 8.31
CA PHE A 54 -22.32 5.61 9.70
C PHE A 54 -22.14 7.09 9.99
N ASP A 55 -22.67 7.52 11.13
CA ASP A 55 -22.57 8.91 11.56
C ASP A 55 -21.21 9.18 12.18
N ARG A 56 -20.63 10.32 11.85
CA ARG A 56 -19.35 10.70 12.41
C ARG A 56 -19.59 11.84 13.39
N MET A 57 -19.15 11.65 14.62
CA MET A 57 -19.30 12.68 15.64
C MET A 57 -17.88 13.19 15.88
N GLN A 58 -17.63 14.45 15.53
CA GLN A 58 -16.31 15.01 15.71
C GLN A 58 -16.28 16.21 16.63
N VAL A 59 -15.36 16.18 17.58
CA VAL A 59 -15.20 17.27 18.53
C VAL A 59 -13.70 17.41 18.76
N LEU A 60 -13.18 18.57 18.39
CA LEU A 60 -11.77 18.87 18.52
C LEU A 60 -11.49 19.54 19.87
N ASP A 61 -10.21 19.71 20.19
CA ASP A 61 -9.82 20.33 21.44
C ASP A 61 -8.52 21.09 21.26
N ALA A 62 -8.01 21.68 22.35
CA ALA A 62 -6.77 22.46 22.30
C ALA A 62 -5.57 21.65 21.82
N TYR A 63 -5.52 20.36 22.15
CA TYR A 63 -4.40 19.53 21.72
C TYR A 63 -4.39 19.46 20.19
N TYR A 64 -5.56 19.33 19.59
CA TYR A 64 -5.67 19.27 18.14
C TYR A 64 -5.26 20.60 17.50
N ASP A 65 -5.90 21.69 17.94
CA ASP A 65 -5.60 23.01 17.41
C ASP A 65 -4.09 23.27 17.40
N SER A 66 -3.44 22.97 18.53
CA SER A 66 -2.00 23.19 18.67
C SER A 66 -1.20 22.45 17.60
N VAL A 67 -1.45 21.15 17.46
CA VAL A 67 -0.73 20.36 16.46
C VAL A 67 -1.02 20.86 15.04
N LEU A 68 -2.26 21.27 14.78
CA LEU A 68 -2.63 21.76 13.47
C LEU A 68 -1.87 23.04 13.15
N LYS A 69 -1.66 23.86 14.17
CA LYS A 69 -0.93 25.11 14.02
C LYS A 69 0.52 24.80 13.63
N ASP A 70 1.13 23.82 14.30
CA ASP A 70 2.50 23.42 14.01
C ASP A 70 2.64 22.93 12.57
N ILE A 71 1.67 22.12 12.15
CA ILE A 71 1.68 21.55 10.82
C ILE A 71 1.53 22.58 9.71
N LYS A 72 0.75 23.63 9.96
CA LYS A 72 0.58 24.67 8.95
C LYS A 72 1.86 25.51 8.84
N LEU A 73 2.56 25.68 9.95
CA LEU A 73 3.80 26.44 9.93
C LEU A 73 4.79 25.64 9.08
N ALA A 74 4.82 24.32 9.33
CA ALA A 74 5.72 23.45 8.59
C ALA A 74 5.38 23.45 7.10
N ALA A 75 4.09 23.52 6.79
CA ALA A 75 3.64 23.55 5.42
C ALA A 75 4.01 24.86 4.73
N SER A 76 4.07 25.96 5.49
CA SER A 76 4.42 27.24 4.89
C SER A 76 5.86 27.23 4.39
N LYS A 77 6.61 26.20 4.76
CA LYS A 77 8.00 26.06 4.35
C LYS A 77 8.14 25.42 2.99
N VAL A 78 7.02 25.00 2.40
CA VAL A 78 7.04 24.36 1.09
C VAL A 78 6.58 25.24 -0.05
N SER A 79 7.18 25.06 -1.22
CA SER A 79 6.78 25.80 -2.41
C SER A 79 6.47 24.70 -3.41
N ALA A 80 5.39 24.86 -4.17
CA ALA A 80 5.04 23.85 -5.15
C ALA A 80 4.59 24.57 -6.41
N ARG A 81 4.67 23.89 -7.54
CA ARG A 81 4.30 24.48 -8.82
C ARG A 81 3.19 23.72 -9.53
N LEU A 82 2.55 24.41 -10.47
CA LEU A 82 1.52 23.79 -11.29
C LEU A 82 2.28 22.82 -12.18
N LEU A 83 1.64 21.73 -12.55
CA LEU A 83 2.28 20.79 -13.45
C LEU A 83 1.78 21.23 -14.82
N THR A 84 2.63 21.04 -15.81
CA THR A 84 2.29 21.39 -17.18
C THR A 84 1.25 20.38 -17.66
N LEU A 85 0.39 20.77 -18.60
CA LEU A 85 -0.63 19.83 -19.09
C LEU A 85 0.08 18.60 -19.63
N GLU A 86 1.20 18.83 -20.29
CA GLU A 86 1.98 17.75 -20.88
C GLU A 86 2.51 16.83 -19.79
N GLU A 87 3.05 17.42 -18.73
CA GLU A 87 3.58 16.65 -17.60
C GLU A 87 2.49 15.81 -16.94
N ALA A 88 1.31 16.39 -16.75
CA ALA A 88 0.21 15.66 -16.13
C ALA A 88 -0.21 14.49 -17.00
N CYS A 89 -0.26 14.71 -18.31
CA CYS A 89 -0.65 13.63 -19.23
C CYS A 89 0.36 12.49 -19.16
N GLN A 90 1.63 12.85 -19.17
CA GLN A 90 2.71 11.88 -19.11
C GLN A 90 2.71 11.06 -17.82
N LEU A 91 2.11 11.59 -16.77
CA LEU A 91 2.04 10.88 -15.49
C LEU A 91 0.81 9.98 -15.42
N THR A 92 0.01 9.99 -16.48
CA THR A 92 -1.20 9.18 -16.53
C THR A 92 -0.80 7.76 -16.90
N PRO A 93 -1.04 6.79 -16.01
CA PRO A 93 -0.67 5.42 -16.37
C PRO A 93 -1.33 4.96 -17.66
N PRO A 94 -0.67 4.02 -18.38
CA PRO A 94 -1.13 3.46 -19.66
C PRO A 94 -2.56 2.92 -19.78
N HIS A 95 -3.10 2.32 -18.73
CA HIS A 95 -4.47 1.81 -18.83
C HIS A 95 -5.45 2.33 -17.78
N SER A 96 -5.25 3.55 -17.28
CA SER A 96 -6.19 4.05 -16.29
C SER A 96 -7.53 4.23 -17.00
N ALA A 97 -8.61 4.02 -16.26
CA ALA A 97 -9.98 4.10 -16.77
C ALA A 97 -10.22 5.23 -17.78
N ARG A 98 -10.68 4.88 -18.97
CA ARG A 98 -10.95 5.87 -20.00
C ARG A 98 -12.01 6.88 -19.58
N SER A 99 -12.09 7.99 -20.32
CA SER A 99 -13.06 9.03 -20.04
C SER A 99 -14.36 8.73 -20.78
N LYS A 100 -15.44 9.36 -20.36
CA LYS A 100 -16.72 9.15 -21.03
C LYS A 100 -16.78 10.16 -22.17
N TYR A 101 -15.70 10.93 -22.33
CA TYR A 101 -15.65 11.95 -23.36
C TYR A 101 -14.89 11.58 -24.62
N GLY A 102 -14.98 10.32 -25.02
CA GLY A 102 -14.34 9.88 -26.25
C GLY A 102 -12.84 9.63 -26.30
N PHE A 103 -12.20 9.41 -25.17
CA PHE A 103 -10.76 9.14 -25.19
C PHE A 103 -10.29 8.35 -23.98
N GLY A 104 -9.15 7.69 -24.14
CA GLY A 104 -8.60 6.89 -23.06
C GLY A 104 -7.21 7.34 -22.64
N ALA A 105 -6.56 6.55 -21.80
CA ALA A 105 -5.23 6.89 -21.32
C ALA A 105 -4.26 6.99 -22.50
N LYS A 106 -4.45 6.13 -23.49
CA LYS A 106 -3.61 6.09 -24.67
C LYS A 106 -3.59 7.47 -25.35
N GLU A 107 -4.76 8.06 -25.51
CA GLU A 107 -4.87 9.37 -26.15
C GLU A 107 -4.32 10.48 -25.25
N VAL A 108 -4.41 10.30 -23.94
CA VAL A 108 -3.88 11.30 -23.02
C VAL A 108 -2.35 11.28 -23.05
N ARG A 109 -1.78 10.08 -23.04
CA ARG A 109 -0.33 9.94 -23.05
C ARG A 109 0.31 10.43 -24.36
N SER A 110 -0.43 10.36 -25.45
CA SER A 110 0.09 10.80 -26.74
C SER A 110 -0.37 12.22 -27.02
N LEU A 111 -1.11 12.79 -26.08
CA LEU A 111 -1.61 14.15 -26.21
C LEU A 111 -2.47 14.36 -27.46
N SER A 112 -3.39 13.43 -27.72
CA SER A 112 -4.26 13.58 -28.88
C SER A 112 -5.04 14.89 -28.76
N GLY A 113 -5.48 15.43 -29.88
CA GLY A 113 -6.22 16.67 -29.87
C GLY A 113 -7.46 16.66 -29.00
N ARG A 114 -8.28 15.62 -29.17
CA ARG A 114 -9.52 15.50 -28.41
C ARG A 114 -9.28 15.49 -26.91
N ALA A 115 -8.28 14.74 -26.47
CA ALA A 115 -7.96 14.65 -25.05
C ALA A 115 -7.44 15.97 -24.49
N VAL A 116 -6.44 16.53 -25.15
CA VAL A 116 -5.85 17.80 -24.71
C VAL A 116 -6.89 18.89 -24.59
N ASN A 117 -7.73 19.02 -25.62
CA ASN A 117 -8.75 20.06 -25.62
C ASN A 117 -9.79 19.86 -24.52
N HIS A 118 -10.16 18.61 -24.28
CA HIS A 118 -11.12 18.32 -23.24
C HIS A 118 -10.52 18.66 -21.87
N ILE A 119 -9.29 18.23 -21.65
CA ILE A 119 -8.60 18.49 -20.38
C ILE A 119 -8.50 19.98 -20.12
N LYS A 120 -8.25 20.77 -21.17
CA LYS A 120 -8.16 22.23 -21.03
C LYS A 120 -9.49 22.84 -20.58
N SER A 121 -10.61 22.34 -21.11
CA SER A 121 -11.90 22.90 -20.70
C SER A 121 -12.23 22.50 -19.25
N VAL A 122 -11.83 21.31 -18.85
CA VAL A 122 -12.07 20.87 -17.47
C VAL A 122 -11.28 21.79 -16.54
N TRP A 123 -10.03 22.07 -16.90
CA TRP A 123 -9.19 22.96 -16.07
C TRP A 123 -9.82 24.35 -16.03
N LYS A 124 -10.24 24.86 -17.18
CA LYS A 124 -10.86 26.18 -17.23
C LYS A 124 -12.12 26.18 -16.36
N ASP A 125 -12.87 25.10 -16.40
CA ASP A 125 -14.10 24.99 -15.60
C ASP A 125 -13.77 25.04 -14.11
N LEU A 126 -12.66 24.42 -13.72
CA LEU A 126 -12.24 24.42 -12.32
C LEU A 126 -11.92 25.84 -11.86
N LEU A 127 -11.35 26.64 -12.76
CA LEU A 127 -11.00 28.01 -12.43
C LEU A 127 -12.22 28.92 -12.41
N GLU A 128 -13.26 28.56 -13.15
CA GLU A 128 -14.47 29.37 -13.21
C GLU A 128 -15.58 28.97 -12.24
N ASP A 129 -15.60 27.70 -11.86
CA ASP A 129 -16.65 27.18 -10.99
C ASP A 129 -16.05 26.49 -9.77
N SER A 130 -16.34 27.02 -8.59
CA SER A 130 -15.82 26.45 -7.35
C SER A 130 -16.89 25.79 -6.49
N GLN A 131 -18.05 25.51 -7.07
CA GLN A 131 -19.16 24.94 -6.32
C GLN A 131 -19.82 23.65 -6.80
N THR A 132 -20.02 23.53 -8.11
CA THR A 132 -20.70 22.37 -8.65
C THR A 132 -20.00 21.05 -8.42
N PRO A 133 -20.59 20.18 -7.59
CA PRO A 133 -19.93 18.89 -7.35
C PRO A 133 -19.63 18.14 -8.63
N ILE A 134 -18.46 17.50 -8.63
CA ILE A 134 -17.98 16.73 -9.76
C ILE A 134 -18.44 15.30 -9.53
N PRO A 135 -19.12 14.70 -10.52
CA PRO A 135 -19.59 13.32 -10.38
C PRO A 135 -18.44 12.31 -10.26
N THR A 136 -18.71 11.24 -9.52
CA THR A 136 -17.75 10.18 -9.32
C THR A 136 -18.41 8.84 -9.61
N THR A 137 -17.60 7.87 -10.01
CA THR A 137 -18.08 6.52 -10.29
C THR A 137 -17.66 5.67 -9.09
N ILE A 138 -18.58 4.83 -8.61
CA ILE A 138 -18.24 3.97 -7.49
C ILE A 138 -18.27 2.52 -7.97
N MET A 139 -17.28 1.75 -7.56
CA MET A 139 -17.24 0.36 -7.95
C MET A 139 -16.61 -0.53 -6.90
N ALA A 140 -16.90 -1.82 -6.98
CA ALA A 140 -16.35 -2.78 -6.04
C ALA A 140 -14.99 -3.22 -6.54
N LYS A 141 -14.01 -3.27 -5.64
CA LYS A 141 -12.67 -3.69 -6.01
C LYS A 141 -12.61 -5.21 -6.05
N ASN A 142 -11.86 -5.76 -6.99
CA ASN A 142 -11.70 -7.20 -7.09
C ASN A 142 -10.30 -7.51 -6.58
N GLU A 143 -10.21 -7.92 -5.31
CA GLU A 143 -8.92 -8.25 -4.72
C GLU A 143 -8.92 -9.68 -4.21
N VAL A 144 -7.75 -10.32 -4.31
CA VAL A 144 -7.59 -11.71 -3.90
C VAL A 144 -7.07 -11.92 -2.49
N PHE A 145 -7.74 -12.79 -1.74
CA PHE A 145 -7.35 -13.12 -0.39
C PHE A 145 -7.47 -14.63 -0.16
N CYS A 146 -7.11 -15.07 1.02
CA CYS A 146 -7.20 -16.48 1.36
C CYS A 146 -8.24 -16.63 2.46
N VAL A 147 -9.11 -17.63 2.35
CA VAL A 147 -10.11 -17.81 3.39
C VAL A 147 -9.37 -18.04 4.70
N ASP A 148 -9.87 -17.45 5.77
CA ASP A 148 -9.26 -17.61 7.08
C ASP A 148 -10.40 -17.98 8.01
N PRO A 149 -10.85 -19.25 7.91
CA PRO A 149 -11.96 -19.82 8.70
C PRO A 149 -11.99 -19.38 10.15
N THR A 150 -10.84 -19.36 10.81
CA THR A 150 -10.76 -18.95 12.20
C THR A 150 -11.06 -17.46 12.40
N LYS A 151 -10.31 -16.60 11.71
CA LYS A 151 -10.51 -15.16 11.82
C LYS A 151 -11.87 -14.68 11.32
N GLY A 152 -12.55 -15.50 10.54
CA GLY A 152 -13.86 -15.10 10.04
C GLY A 152 -14.17 -15.48 8.60
N GLY A 153 -15.28 -14.94 8.10
CA GLY A 153 -15.68 -15.23 6.73
C GLY A 153 -14.92 -14.39 5.72
N LYS A 154 -15.23 -14.60 4.44
CA LYS A 154 -14.57 -13.87 3.37
C LYS A 154 -14.82 -12.37 3.52
N LYS A 155 -13.84 -11.56 3.15
CA LYS A 155 -13.96 -10.10 3.25
C LYS A 155 -14.84 -9.53 2.14
N ALA A 156 -15.61 -8.50 2.48
CA ALA A 156 -16.47 -7.85 1.49
C ALA A 156 -15.55 -6.99 0.64
N ALA A 157 -15.90 -6.77 -0.62
CA ALA A 157 -15.08 -5.97 -1.50
C ALA A 157 -14.92 -4.53 -1.04
N ARG A 158 -13.74 -3.95 -1.28
CA ARG A 158 -13.51 -2.56 -0.93
C ARG A 158 -14.20 -1.74 -2.02
N LEU A 159 -14.60 -0.52 -1.68
CA LEU A 159 -15.27 0.34 -2.64
C LEU A 159 -14.33 1.43 -3.14
N ILE A 160 -14.29 1.62 -4.46
CA ILE A 160 -13.44 2.62 -5.06
C ILE A 160 -14.31 3.73 -5.65
N VAL A 161 -13.97 4.97 -5.33
CA VAL A 161 -14.69 6.13 -5.82
C VAL A 161 -13.70 7.04 -6.52
N TYR A 162 -13.97 7.34 -7.78
CA TYR A 162 -13.07 8.17 -8.59
C TYR A 162 -13.83 8.98 -9.64
N PRO A 163 -13.25 10.13 -10.04
CA PRO A 163 -13.85 11.01 -11.05
C PRO A 163 -13.34 10.65 -12.45
N ASP A 164 -13.89 11.29 -13.47
CA ASP A 164 -13.51 11.03 -14.86
C ASP A 164 -12.02 11.30 -15.15
N LEU A 165 -11.48 10.57 -16.12
CA LEU A 165 -10.09 10.72 -16.52
C LEU A 165 -9.67 12.18 -16.70
N GLY A 166 -10.53 12.97 -17.34
CA GLY A 166 -10.21 14.37 -17.56
C GLY A 166 -9.98 15.13 -16.26
N VAL A 167 -10.74 14.79 -15.23
CA VAL A 167 -10.60 15.45 -13.93
C VAL A 167 -9.32 14.95 -13.26
N ARG A 168 -9.03 13.65 -13.42
CA ARG A 168 -7.85 13.08 -12.79
C ARG A 168 -6.55 13.75 -13.26
N VAL A 169 -6.45 14.04 -14.56
CA VAL A 169 -5.25 14.69 -15.08
C VAL A 169 -5.13 16.09 -14.49
N CYS A 170 -6.26 16.80 -14.39
CA CYS A 170 -6.26 18.15 -13.83
C CYS A 170 -5.82 18.14 -12.37
N GLU A 171 -6.13 17.07 -11.65
CA GLU A 171 -5.72 16.97 -10.25
C GLU A 171 -4.19 17.02 -10.17
N LYS A 172 -3.54 16.29 -11.08
CA LYS A 172 -2.08 16.24 -11.12
C LYS A 172 -1.52 17.62 -11.41
N MET A 173 -2.06 18.29 -12.43
CA MET A 173 -1.58 19.62 -12.76
C MET A 173 -1.54 20.53 -11.54
N ALA A 174 -2.62 20.51 -10.77
CA ALA A 174 -2.74 21.36 -9.58
C ALA A 174 -2.11 20.88 -8.29
N LEU A 175 -2.09 19.57 -8.08
CA LEU A 175 -1.59 19.02 -6.82
C LEU A 175 -0.49 17.97 -6.86
N TYR A 176 -0.07 17.52 -8.03
CA TYR A 176 0.97 16.50 -8.05
C TYR A 176 2.25 16.93 -7.34
N ASP A 177 2.74 18.13 -7.64
CA ASP A 177 3.96 18.61 -7.02
C ASP A 177 3.80 18.64 -5.51
N VAL A 178 2.64 19.08 -5.04
CA VAL A 178 2.37 19.12 -3.61
C VAL A 178 2.42 17.71 -3.00
N THR A 179 1.86 16.71 -3.69
CA THR A 179 1.86 15.35 -3.13
C THR A 179 3.26 14.78 -2.97
N GLN A 180 4.22 15.30 -3.73
CA GLN A 180 5.59 14.82 -3.67
C GLN A 180 6.44 15.54 -2.62
N LYS A 181 5.95 16.65 -2.08
CA LYS A 181 6.71 17.42 -1.09
C LYS A 181 6.10 17.63 0.28
N LEU A 182 4.81 17.93 0.34
CA LEU A 182 4.12 18.23 1.60
C LEU A 182 4.22 17.22 2.74
N PRO A 183 3.86 15.95 2.50
CA PRO A 183 3.94 14.98 3.60
C PRO A 183 5.28 14.95 4.34
N GLN A 184 6.39 14.86 3.62
CA GLN A 184 7.69 14.84 4.29
C GLN A 184 8.01 16.15 5.00
N ALA A 185 7.59 17.27 4.41
CA ALA A 185 7.87 18.56 5.03
C ALA A 185 7.16 18.77 6.38
N VAL A 186 5.98 18.18 6.57
CA VAL A 186 5.27 18.36 7.83
C VAL A 186 5.46 17.22 8.82
N MET A 187 5.86 16.05 8.32
CA MET A 187 6.04 14.87 9.16
C MET A 187 7.48 14.42 9.33
N GLY A 188 8.33 14.78 8.37
CA GLY A 188 9.72 14.39 8.44
C GLY A 188 9.90 12.88 8.40
N ALA A 189 10.70 12.36 9.33
CA ALA A 189 10.99 10.93 9.43
C ALA A 189 9.74 10.09 9.65
N SER A 190 8.68 10.71 10.18
CA SER A 190 7.45 9.99 10.44
C SER A 190 6.68 9.63 9.18
N TYR A 191 7.02 10.25 8.05
CA TYR A 191 6.35 9.94 6.80
C TYR A 191 6.85 8.58 6.32
N GLY A 192 5.99 7.56 6.44
CA GLY A 192 6.36 6.21 6.07
C GLY A 192 6.62 5.83 4.62
N PHE A 193 6.00 6.53 3.67
CA PHE A 193 6.19 6.20 2.26
C PHE A 193 7.48 6.72 1.65
N GLN A 194 8.47 7.00 2.48
CA GLN A 194 9.74 7.51 1.96
C GLN A 194 10.84 6.48 2.15
N TYR A 195 10.51 5.37 2.81
CA TYR A 195 11.50 4.35 3.10
C TYR A 195 11.50 3.07 2.27
N SER A 196 12.70 2.63 1.94
CA SER A 196 12.90 1.39 1.21
C SER A 196 12.85 0.37 2.35
N PRO A 197 12.73 -0.93 2.03
CA PRO A 197 12.67 -1.91 3.12
C PRO A 197 13.82 -1.82 4.13
N ALA A 198 15.03 -1.59 3.64
CA ALA A 198 16.19 -1.49 4.53
C ALA A 198 16.13 -0.24 5.42
N GLN A 199 15.57 0.84 4.87
CA GLN A 199 15.45 2.10 5.60
C GLN A 199 14.33 2.04 6.63
N ARG A 200 13.28 1.30 6.28
CA ARG A 200 12.14 1.13 7.17
C ARG A 200 12.61 0.34 8.37
N VAL A 201 13.38 -0.71 8.10
CA VAL A 201 13.93 -1.57 9.14
C VAL A 201 14.80 -0.71 10.07
N GLU A 202 15.65 0.10 9.46
CA GLU A 202 16.56 0.98 10.21
C GLU A 202 15.80 1.97 11.08
N PHE A 203 14.73 2.55 10.55
CA PHE A 203 13.93 3.51 11.30
C PHE A 203 13.33 2.86 12.54
N LEU A 204 12.74 1.69 12.35
CA LEU A 204 12.12 0.96 13.44
C LEU A 204 13.14 0.53 14.49
N LEU A 205 14.24 -0.07 14.05
CA LEU A 205 15.27 -0.49 14.99
C LEU A 205 15.77 0.68 15.80
N LYS A 206 15.97 1.81 15.13
CA LYS A 206 16.48 3.02 15.76
C LYS A 206 15.49 3.59 16.78
N ALA A 207 14.22 3.69 16.38
CA ALA A 207 13.19 4.22 17.26
C ALA A 207 13.07 3.36 18.51
N TRP A 208 13.13 2.05 18.32
CA TRP A 208 13.03 1.11 19.41
C TRP A 208 14.22 1.23 20.36
N ALA A 209 15.42 1.26 19.80
CA ALA A 209 16.64 1.35 20.60
C ALA A 209 16.81 2.63 21.43
N GLU A 210 16.31 3.76 20.92
CA GLU A 210 16.47 5.01 21.65
C GLU A 210 15.63 5.11 22.93
N LYS A 211 14.68 4.21 23.11
CA LYS A 211 13.84 4.22 24.31
C LYS A 211 14.56 3.41 25.38
N LYS A 212 14.51 3.87 26.63
CA LYS A 212 15.15 3.14 27.71
C LYS A 212 14.36 1.87 27.98
N ASP A 213 13.05 1.98 27.84
CA ASP A 213 12.14 0.86 28.03
C ASP A 213 11.01 1.09 27.02
N PRO A 214 11.21 0.63 25.77
CA PRO A 214 10.28 0.75 24.65
C PRO A 214 8.96 0.00 24.73
N MET A 215 7.92 0.64 24.21
CA MET A 215 6.59 0.08 24.13
C MET A 215 6.01 0.63 22.84
N GLY A 216 5.44 -0.24 22.01
CA GLY A 216 4.87 0.23 20.77
C GLY A 216 3.48 -0.33 20.56
N PHE A 217 2.77 0.27 19.61
CA PHE A 217 1.44 -0.18 19.26
C PHE A 217 1.06 0.36 17.91
N SER A 218 0.24 -0.39 17.19
CA SER A 218 -0.26 0.01 15.90
C SER A 218 -1.72 0.38 16.15
N TYR A 219 -2.17 1.49 15.60
CA TYR A 219 -3.55 1.90 15.79
C TYR A 219 -4.30 1.65 14.51
N ASP A 220 -5.38 0.87 14.59
CA ASP A 220 -6.15 0.59 13.40
C ASP A 220 -7.50 1.29 13.42
N THR A 221 -7.66 2.28 12.55
CA THR A 221 -8.92 2.98 12.48
C THR A 221 -9.89 2.14 11.65
N ARG A 222 -11.10 1.97 12.18
CA ARG A 222 -12.11 1.20 11.49
C ARG A 222 -12.65 2.03 10.32
N CYS A 223 -12.36 1.59 9.09
CA CYS A 223 -12.79 2.30 7.88
C CYS A 223 -12.33 3.75 7.94
N PHE A 224 -11.02 3.97 7.87
CA PHE A 224 -10.45 5.32 7.95
C PHE A 224 -11.04 6.34 6.97
N ASP A 225 -11.16 5.96 5.70
CA ASP A 225 -11.71 6.87 4.71
C ASP A 225 -13.10 7.38 5.11
N SER A 226 -13.92 6.50 5.69
CA SER A 226 -15.27 6.85 6.12
C SER A 226 -15.29 7.74 7.35
N THR A 227 -14.18 7.75 8.09
CA THR A 227 -14.08 8.54 9.30
C THR A 227 -13.66 9.98 9.03
N VAL A 228 -13.01 10.24 7.90
CA VAL A 228 -12.60 11.63 7.66
C VAL A 228 -13.80 12.44 7.23
N THR A 229 -13.99 13.54 7.95
CA THR A 229 -15.10 14.44 7.75
C THR A 229 -14.87 15.54 6.72
N GLU A 230 -15.92 16.27 6.41
CA GLU A 230 -15.84 17.37 5.46
C GLU A 230 -14.90 18.42 6.06
N ARG A 231 -15.01 18.62 7.37
CA ARG A 231 -14.17 19.58 8.09
C ARG A 231 -12.71 19.15 7.94
N ASP A 232 -12.45 17.85 8.06
CA ASP A 232 -11.09 17.34 7.92
C ASP A 232 -10.56 17.69 6.53
N ILE A 233 -11.38 17.45 5.52
CA ILE A 233 -10.98 17.70 4.14
C ILE A 233 -10.77 19.17 3.77
N ARG A 234 -11.53 20.07 4.40
CA ARG A 234 -11.36 21.49 4.14
C ARG A 234 -10.11 21.92 4.91
N THR A 235 -9.89 21.29 6.06
CA THR A 235 -8.72 21.59 6.86
C THR A 235 -7.47 21.15 6.09
N GLU A 236 -7.60 20.10 5.30
CA GLU A 236 -6.47 19.65 4.50
C GLU A 236 -6.17 20.73 3.45
N GLU A 237 -7.22 21.36 2.92
CA GLU A 237 -7.00 22.41 1.93
C GLU A 237 -6.25 23.57 2.57
N SER A 238 -6.63 23.95 3.80
CA SER A 238 -5.98 25.06 4.48
C SER A 238 -4.50 24.74 4.69
N ILE A 239 -4.18 23.46 4.85
CA ILE A 239 -2.80 23.04 5.02
C ILE A 239 -2.08 23.17 3.67
N TYR A 240 -2.78 22.83 2.58
CA TYR A 240 -2.20 22.94 1.23
C TYR A 240 -1.95 24.41 0.92
N GLN A 241 -2.94 25.24 1.23
CA GLN A 241 -2.85 26.67 0.98
C GLN A 241 -1.77 27.36 1.80
N ALA A 242 -1.27 26.67 2.83
CA ALA A 242 -0.20 27.26 3.66
C ALA A 242 1.08 27.29 2.84
N CYS A 243 1.20 26.37 1.88
CA CYS A 243 2.38 26.29 1.03
C CYS A 243 2.44 27.51 0.13
N SER A 244 3.60 27.72 -0.50
CA SER A 244 3.76 28.82 -1.42
C SER A 244 3.32 28.28 -2.78
N LEU A 245 2.17 28.74 -3.27
CA LEU A 245 1.66 28.25 -4.53
C LEU A 245 1.20 29.39 -5.41
N PRO A 246 1.18 29.17 -6.74
CA PRO A 246 0.73 30.22 -7.65
C PRO A 246 -0.78 30.37 -7.49
N GLU A 247 -1.28 31.59 -7.65
CA GLU A 247 -2.70 31.84 -7.50
C GLU A 247 -3.58 30.87 -8.31
N GLU A 248 -3.14 30.54 -9.52
CA GLU A 248 -3.89 29.62 -10.36
C GLU A 248 -4.05 28.25 -9.71
N ALA A 249 -3.01 27.79 -9.03
CA ALA A 249 -3.05 26.50 -8.35
C ALA A 249 -4.00 26.58 -7.17
N ARG A 250 -3.94 27.68 -6.43
CA ARG A 250 -4.82 27.86 -5.28
C ARG A 250 -6.28 27.76 -5.69
N THR A 251 -6.63 28.45 -6.78
CA THR A 251 -8.00 28.44 -7.28
C THR A 251 -8.46 27.02 -7.60
N ALA A 252 -7.66 26.30 -8.39
CA ALA A 252 -8.01 24.92 -8.77
C ALA A 252 -8.08 24.02 -7.54
N ILE A 253 -7.17 24.24 -6.60
CA ILE A 253 -7.15 23.42 -5.37
C ILE A 253 -8.42 23.66 -4.55
N HIS A 254 -8.88 24.91 -4.48
CA HIS A 254 -10.08 25.19 -3.73
C HIS A 254 -11.29 24.57 -4.45
N SER A 255 -11.33 24.70 -5.76
CA SER A 255 -12.44 24.15 -6.54
C SER A 255 -12.48 22.65 -6.38
N LEU A 256 -11.34 22.00 -6.58
CA LEU A 256 -11.25 20.55 -6.45
C LEU A 256 -11.65 20.10 -5.04
N THR A 257 -11.35 20.93 -4.04
CA THR A 257 -11.71 20.60 -2.67
C THR A 257 -13.23 20.66 -2.44
N GLU A 258 -13.86 21.74 -2.87
CA GLU A 258 -15.30 21.94 -2.68
C GLU A 258 -16.16 21.11 -3.62
N ARG A 259 -15.63 20.79 -4.79
CA ARG A 259 -16.41 20.05 -5.77
C ARG A 259 -16.11 18.55 -5.80
N LEU A 260 -14.96 18.15 -5.28
CA LEU A 260 -14.59 16.75 -5.34
C LEU A 260 -14.18 16.11 -4.03
N TYR A 261 -13.09 16.60 -3.45
CA TYR A 261 -12.57 16.02 -2.22
C TYR A 261 -13.49 15.98 -1.03
N VAL A 262 -14.17 17.10 -0.77
CA VAL A 262 -15.06 17.20 0.37
C VAL A 262 -16.28 16.28 0.25
N GLY A 263 -16.64 15.92 -0.97
CA GLY A 263 -17.79 15.06 -1.18
C GLY A 263 -18.36 15.18 -2.58
N GLY A 264 -19.48 14.51 -2.83
CA GLY A 264 -20.07 14.57 -4.15
C GLY A 264 -20.90 13.35 -4.52
N PRO A 265 -21.68 13.43 -5.61
CA PRO A 265 -22.53 12.33 -6.05
C PRO A 265 -21.77 11.17 -6.68
N MET A 266 -22.26 9.96 -6.43
CA MET A 266 -21.63 8.76 -6.98
C MET A 266 -22.62 8.06 -7.93
N PHE A 267 -22.10 7.50 -9.01
CA PHE A 267 -22.91 6.78 -9.98
C PHE A 267 -22.31 5.39 -10.16
N ASN A 268 -23.15 4.39 -10.42
CA ASN A 268 -22.61 3.05 -10.62
C ASN A 268 -22.17 2.93 -12.07
N SER A 269 -21.67 1.76 -12.46
CA SER A 269 -21.21 1.53 -13.82
C SER A 269 -22.31 1.70 -14.87
N LYS A 270 -23.58 1.59 -14.45
CA LYS A 270 -24.69 1.74 -15.38
C LYS A 270 -25.12 3.20 -15.54
N GLY A 271 -24.47 4.10 -14.81
CA GLY A 271 -24.83 5.51 -14.91
C GLY A 271 -25.99 5.90 -14.00
N GLN A 272 -26.42 4.99 -13.14
CA GLN A 272 -27.51 5.27 -12.23
C GLN A 272 -27.00 6.04 -11.01
N SER A 273 -27.79 6.99 -10.52
CA SER A 273 -27.41 7.74 -9.33
C SER A 273 -27.37 6.74 -8.18
N CYS A 274 -26.19 6.56 -7.59
CA CYS A 274 -25.99 5.59 -6.53
C CYS A 274 -26.00 6.13 -5.09
N GLY A 275 -25.51 7.35 -4.91
CA GLY A 275 -25.49 7.92 -3.57
C GLY A 275 -24.65 9.18 -3.48
N TYR A 276 -24.50 9.70 -2.27
CA TYR A 276 -23.71 10.90 -2.03
C TYR A 276 -22.64 10.65 -0.96
N ARG A 277 -21.41 11.05 -1.24
CA ARG A 277 -20.29 10.88 -0.31
C ARG A 277 -19.95 12.16 0.49
N ARG A 278 -19.64 12.00 1.77
CA ARG A 278 -19.26 13.11 2.64
C ARG A 278 -17.99 12.74 3.39
N CYS A 279 -17.19 11.87 2.78
CA CYS A 279 -15.95 11.45 3.38
C CYS A 279 -14.90 11.28 2.29
N ARG A 280 -13.76 10.73 2.67
CA ARG A 280 -12.66 10.52 1.72
C ARG A 280 -13.04 9.66 0.53
N ALA A 281 -12.68 10.10 -0.67
CA ALA A 281 -12.94 9.31 -1.86
C ALA A 281 -11.63 8.53 -2.01
N SER A 282 -11.74 7.25 -2.27
CA SER A 282 -10.57 6.38 -2.41
C SER A 282 -9.76 6.65 -3.67
N GLY A 283 -10.44 7.04 -4.74
CA GLY A 283 -9.76 7.25 -6.00
C GLY A 283 -9.39 8.66 -6.44
N VAL A 284 -8.97 9.52 -5.52
CA VAL A 284 -8.55 10.87 -5.89
C VAL A 284 -7.07 11.02 -5.58
N LEU A 285 -6.43 11.97 -6.25
CA LEU A 285 -5.00 12.21 -6.09
C LEU A 285 -4.53 12.44 -4.65
N THR A 286 -5.32 13.17 -3.87
CA THR A 286 -4.95 13.50 -2.49
C THR A 286 -5.29 12.46 -1.42
N THR A 287 -5.79 11.30 -1.81
CA THR A 287 -6.16 10.28 -0.83
C THR A 287 -4.99 9.88 0.08
N SER A 288 -3.89 9.44 -0.51
CA SER A 288 -2.72 9.02 0.28
C SER A 288 -2.18 10.15 1.14
N MET A 289 -1.86 11.27 0.51
CA MET A 289 -1.35 12.42 1.26
C MET A 289 -2.36 12.92 2.31
N GLY A 290 -3.63 12.99 1.93
CA GLY A 290 -4.65 13.47 2.85
C GLY A 290 -4.80 12.58 4.06
N ASN A 291 -4.88 11.27 3.83
CA ASN A 291 -5.02 10.34 4.94
C ASN A 291 -3.79 10.40 5.85
N THR A 292 -2.61 10.42 5.25
CA THR A 292 -1.37 10.45 6.01
C THR A 292 -1.27 11.66 6.93
N ILE A 293 -1.51 12.85 6.38
CA ILE A 293 -1.44 14.06 7.17
C ILE A 293 -2.55 14.15 8.22
N THR A 294 -3.77 13.77 7.84
CA THR A 294 -4.87 13.83 8.80
C THR A 294 -4.71 12.81 9.91
N CYS A 295 -4.20 11.63 9.57
CA CYS A 295 -3.99 10.60 10.58
C CYS A 295 -2.90 11.09 11.55
N TYR A 296 -1.88 11.73 10.99
CA TYR A 296 -0.77 12.24 11.78
C TYR A 296 -1.21 13.35 12.75
N VAL A 297 -2.02 14.28 12.26
CA VAL A 297 -2.49 15.37 13.09
C VAL A 297 -3.29 14.85 14.28
N LYS A 298 -4.27 14.00 13.99
CA LYS A 298 -5.12 13.43 15.03
C LYS A 298 -4.30 12.58 16.00
N ALA A 299 -3.43 11.74 15.45
CA ALA A 299 -2.59 10.85 16.26
C ALA A 299 -1.65 11.61 17.19
N LEU A 300 -1.01 12.65 16.69
CA LEU A 300 -0.09 13.42 17.52
C LEU A 300 -0.84 14.16 18.64
N ALA A 301 -2.00 14.71 18.32
CA ALA A 301 -2.80 15.42 19.31
C ALA A 301 -3.25 14.43 20.37
N ALA A 302 -3.64 13.24 19.93
CA ALA A 302 -4.08 12.19 20.83
C ALA A 302 -2.93 11.74 21.74
N CYS A 303 -1.73 11.70 21.20
CA CYS A 303 -0.57 11.31 21.99
C CYS A 303 -0.42 12.26 23.16
N LYS A 304 -0.58 13.55 22.88
CA LYS A 304 -0.47 14.58 23.89
C LYS A 304 -1.60 14.52 24.91
N ALA A 305 -2.82 14.34 24.42
CA ALA A 305 -3.98 14.27 25.31
C ALA A 305 -3.88 13.07 26.24
N ALA A 306 -3.35 11.97 25.72
CA ALA A 306 -3.22 10.73 26.49
C ALA A 306 -1.96 10.72 27.34
N GLY A 307 -1.07 11.67 27.09
CA GLY A 307 0.18 11.71 27.84
C GLY A 307 1.16 10.64 27.41
N ILE A 308 1.18 10.28 26.13
CA ILE A 308 2.13 9.26 25.65
C ILE A 308 3.50 9.89 25.81
N VAL A 309 4.42 9.15 26.43
CA VAL A 309 5.77 9.65 26.68
C VAL A 309 6.80 9.41 25.58
N ALA A 310 7.32 10.51 25.02
CA ALA A 310 8.33 10.47 23.96
C ALA A 310 7.89 9.59 22.80
N PRO A 311 6.85 10.03 22.07
CA PRO A 311 6.34 9.27 20.94
C PRO A 311 7.08 9.50 19.63
N THR A 312 7.45 8.40 18.97
CA THR A 312 8.07 8.48 17.67
C THR A 312 7.12 7.65 16.82
N MET A 313 6.42 8.31 15.90
CA MET A 313 5.48 7.60 15.06
C MET A 313 5.86 7.45 13.61
N LEU A 314 5.25 6.46 12.97
CA LEU A 314 5.47 6.17 11.56
C LEU A 314 4.07 6.06 10.98
N VAL A 315 3.78 6.88 9.97
CA VAL A 315 2.46 6.88 9.36
C VAL A 315 2.45 6.60 7.87
N CYS A 316 1.61 5.64 7.47
CA CYS A 316 1.43 5.29 6.06
C CYS A 316 -0.06 5.37 5.78
N GLY A 317 -0.53 6.53 5.35
CA GLY A 317 -1.95 6.68 5.11
C GLY A 317 -2.67 6.54 6.43
N ASP A 318 -3.56 5.56 6.55
CA ASP A 318 -4.30 5.35 7.78
C ASP A 318 -3.59 4.36 8.70
N ASP A 319 -2.45 3.82 8.25
CA ASP A 319 -1.68 2.86 9.04
C ASP A 319 -0.74 3.64 9.97
N LEU A 320 -0.89 3.41 11.26
CA LEU A 320 -0.11 4.13 12.26
C LEU A 320 0.52 3.28 13.34
N VAL A 321 1.78 3.58 13.64
CA VAL A 321 2.51 2.89 14.69
C VAL A 321 3.12 3.96 15.58
N VAL A 322 3.03 3.75 16.90
CA VAL A 322 3.59 4.68 17.87
C VAL A 322 4.51 3.91 18.80
N ILE A 323 5.76 4.34 18.88
CA ILE A 323 6.74 3.70 19.75
C ILE A 323 7.12 4.76 20.77
N SER A 324 6.92 4.46 22.05
CA SER A 324 7.23 5.42 23.09
C SER A 324 7.87 4.77 24.32
N GLU A 325 8.07 5.59 25.36
CA GLU A 325 8.64 5.09 26.59
C GLU A 325 7.55 4.39 27.38
N SER A 326 7.80 3.14 27.77
CA SER A 326 6.83 2.38 28.55
C SER A 326 6.75 2.97 29.96
N GLN A 327 5.56 2.97 30.53
CA GLN A 327 5.31 3.48 31.87
C GLN A 327 4.84 2.32 32.75
N GLY A 328 5.10 1.10 32.29
CA GLY A 328 4.65 -0.08 33.02
C GLY A 328 3.39 -0.55 32.32
N THR A 329 3.14 -1.85 32.30
CA THR A 329 1.98 -2.39 31.60
C THR A 329 0.65 -1.76 32.00
N GLU A 330 0.39 -1.67 33.30
CA GLU A 330 -0.86 -1.10 33.80
C GLU A 330 -1.08 0.32 33.28
N GLU A 331 -0.04 1.14 33.40
CA GLU A 331 -0.11 2.53 32.96
C GLU A 331 -0.14 2.65 31.43
N ASP A 332 0.58 1.78 30.73
CA ASP A 332 0.59 1.81 29.26
C ASP A 332 -0.81 1.56 28.71
N GLU A 333 -1.52 0.60 29.30
CA GLU A 333 -2.85 0.29 28.83
C GLU A 333 -3.81 1.43 29.08
N ARG A 334 -3.64 2.09 30.23
CA ARG A 334 -4.47 3.22 30.60
C ARG A 334 -4.22 4.31 29.55
N ASN A 335 -2.95 4.57 29.27
CA ASN A 335 -2.55 5.57 28.29
C ASN A 335 -3.08 5.25 26.90
N LEU A 336 -3.09 3.97 26.53
CA LEU A 336 -3.58 3.57 25.22
C LEU A 336 -5.07 3.81 25.07
N ARG A 337 -5.83 3.62 26.14
CA ARG A 337 -7.27 3.85 26.08
C ARG A 337 -7.53 5.34 25.96
N ALA A 338 -6.73 6.15 26.65
CA ALA A 338 -6.89 7.60 26.58
C ALA A 338 -6.62 8.04 25.14
N PHE A 339 -5.59 7.43 24.55
CA PHE A 339 -5.22 7.73 23.17
C PHE A 339 -6.42 7.40 22.28
N THR A 340 -6.96 6.20 22.45
CA THR A 340 -8.10 5.75 21.65
C THR A 340 -9.32 6.66 21.83
N GLU A 341 -9.59 7.06 23.06
CA GLU A 341 -10.72 7.93 23.36
C GLU A 341 -10.54 9.30 22.70
N ALA A 342 -9.29 9.76 22.63
CA ALA A 342 -9.01 11.04 21.98
C ALA A 342 -9.20 10.88 20.48
N MET A 343 -8.60 9.83 19.90
CA MET A 343 -8.74 9.58 18.48
C MET A 343 -10.22 9.49 18.10
N THR A 344 -11.01 8.88 18.97
CA THR A 344 -12.43 8.71 18.73
C THR A 344 -13.14 10.05 18.64
N ARG A 345 -12.86 10.94 19.59
CA ARG A 345 -13.45 12.27 19.58
C ARG A 345 -13.08 12.98 18.26
N TYR A 346 -11.86 12.76 17.78
CA TYR A 346 -11.39 13.39 16.53
C TYR A 346 -11.96 12.68 15.31
N SER A 347 -12.91 11.79 15.53
CA SER A 347 -13.53 11.04 14.45
C SER A 347 -12.52 10.09 13.82
N ALA A 348 -11.93 9.24 14.66
CA ALA A 348 -10.96 8.24 14.22
C ALA A 348 -11.09 7.04 15.16
N PRO A 349 -12.31 6.48 15.25
CA PRO A 349 -12.60 5.32 16.11
C PRO A 349 -11.79 4.11 15.69
N PRO A 350 -11.44 3.24 16.65
CA PRO A 350 -10.65 2.05 16.34
C PRO A 350 -11.42 0.84 15.85
N GLY A 351 -10.78 0.06 14.98
CA GLY A 351 -11.39 -1.16 14.51
C GLY A 351 -10.96 -2.15 15.57
N ASP A 352 -9.74 -2.67 15.42
CA ASP A 352 -9.18 -3.59 16.39
C ASP A 352 -8.63 -2.72 17.52
N PRO A 353 -9.15 -2.89 18.74
CA PRO A 353 -8.63 -2.07 19.84
C PRO A 353 -7.11 -2.22 19.96
N PRO A 354 -6.40 -1.10 20.15
CA PRO A 354 -4.95 -1.10 20.27
C PRO A 354 -4.43 -1.74 21.55
N ARG A 355 -3.33 -2.46 21.45
CA ARG A 355 -2.74 -3.10 22.61
C ARG A 355 -1.23 -2.88 22.62
N PRO A 356 -0.67 -2.61 23.81
CA PRO A 356 0.78 -2.38 23.93
C PRO A 356 1.59 -3.61 23.54
N GLU A 357 2.69 -3.37 22.85
CA GLU A 357 3.60 -4.42 22.40
C GLU A 357 5.00 -4.15 22.95
N TYR A 358 5.68 -5.20 23.40
CA TYR A 358 7.02 -5.03 23.95
C TYR A 358 8.05 -5.86 23.20
N ASP A 359 7.67 -6.40 22.06
CA ASP A 359 8.60 -7.17 21.22
C ASP A 359 8.53 -6.51 19.85
N LEU A 360 9.64 -5.94 19.40
CA LEU A 360 9.68 -5.25 18.11
C LEU A 360 9.18 -6.13 16.97
N GLU A 361 9.55 -7.42 16.99
CA GLU A 361 9.14 -8.33 15.92
C GLU A 361 7.63 -8.42 15.76
N LEU A 362 6.88 -8.11 16.81
CA LEU A 362 5.42 -8.21 16.75
C LEU A 362 4.69 -6.94 16.33
N ILE A 363 5.42 -5.88 16.06
CA ILE A 363 4.78 -4.64 15.67
C ILE A 363 4.73 -4.53 14.15
N THR A 364 3.52 -4.39 13.63
CA THR A 364 3.33 -4.28 12.19
C THR A 364 3.10 -2.83 11.77
N SER A 365 3.92 -2.38 10.83
CA SER A 365 3.84 -1.03 10.29
C SER A 365 3.75 -1.10 8.78
N CYS A 366 2.87 -0.30 8.20
CA CYS A 366 2.70 -0.26 6.77
C CYS A 366 2.69 -1.70 6.22
N SER A 367 1.94 -2.57 6.91
CA SER A 367 1.79 -3.98 6.54
C SER A 367 2.99 -4.90 6.77
N SER A 368 4.05 -4.39 7.39
CA SER A 368 5.24 -5.20 7.60
C SER A 368 5.77 -5.21 9.04
N ASN A 369 6.75 -6.06 9.29
CA ASN A 369 7.39 -6.12 10.59
C ASN A 369 8.87 -6.44 10.42
N VAL A 370 9.65 -6.07 11.43
CA VAL A 370 11.08 -6.34 11.42
C VAL A 370 11.36 -7.70 12.05
N SER A 371 12.29 -8.45 11.45
CA SER A 371 12.65 -9.74 11.99
C SER A 371 14.17 -9.84 11.89
N VAL A 372 14.73 -10.92 12.43
CA VAL A 372 16.17 -11.08 12.41
C VAL A 372 16.60 -12.46 11.96
N ALA A 373 17.81 -12.53 11.43
CA ALA A 373 18.40 -13.79 10.95
C ALA A 373 19.91 -13.61 10.97
N LEU A 374 20.65 -14.66 10.68
CA LEU A 374 22.11 -14.56 10.70
C LEU A 374 22.69 -14.46 9.30
N GLY A 375 23.77 -13.69 9.17
CA GLY A 375 24.42 -13.52 7.89
C GLY A 375 25.43 -14.65 7.69
N PRO A 376 26.04 -14.76 6.49
CA PRO A 376 27.01 -15.82 6.23
C PRO A 376 28.14 -15.89 7.26
N GLN A 377 28.48 -14.75 7.85
CA GLN A 377 29.54 -14.69 8.85
C GLN A 377 29.03 -15.04 10.24
N GLY A 378 27.72 -15.22 10.37
CA GLY A 378 27.15 -15.59 11.66
C GLY A 378 26.66 -14.44 12.52
N ARG A 379 26.76 -13.21 12.02
CA ARG A 379 26.31 -12.05 12.77
C ARG A 379 24.83 -11.79 12.48
N ARG A 380 24.17 -11.08 13.38
CA ARG A 380 22.76 -10.78 13.19
C ARG A 380 22.50 -9.76 12.09
N ARG A 381 21.44 -9.98 11.33
CA ARG A 381 21.04 -9.09 10.25
C ARG A 381 19.52 -8.95 10.27
N TYR A 382 19.05 -7.71 10.30
CA TYR A 382 17.62 -7.45 10.35
C TYR A 382 17.06 -7.20 8.96
N TYR A 383 15.78 -7.51 8.77
CA TYR A 383 15.15 -7.34 7.46
C TYR A 383 13.64 -7.20 7.63
N LEU A 384 12.98 -6.77 6.58
CA LEU A 384 11.55 -6.57 6.59
C LEU A 384 10.80 -7.79 6.03
N THR A 385 9.75 -8.20 6.73
CA THR A 385 8.94 -9.33 6.29
C THR A 385 7.49 -9.05 6.63
N ARG A 386 6.62 -10.03 6.42
CA ARG A 386 5.20 -9.87 6.71
C ARG A 386 4.49 -11.22 6.57
N ASP A 387 3.25 -11.29 7.02
CA ASP A 387 2.50 -12.52 6.89
C ASP A 387 2.39 -12.74 5.38
N PRO A 388 2.80 -13.92 4.90
CA PRO A 388 2.79 -14.29 3.48
C PRO A 388 1.50 -14.87 2.91
N THR A 389 0.45 -14.94 3.72
CA THR A 389 -0.82 -15.50 3.26
C THR A 389 -1.39 -14.81 2.01
N THR A 390 -1.62 -13.51 2.09
CA THR A 390 -2.16 -12.78 0.96
C THR A 390 -1.20 -12.73 -0.23
N PRO A 391 0.09 -12.43 0.02
CA PRO A 391 1.02 -12.38 -1.12
C PRO A 391 1.05 -13.70 -1.89
N ILE A 392 1.06 -14.82 -1.16
CA ILE A 392 1.09 -16.11 -1.83
C ILE A 392 -0.25 -16.43 -2.48
N ALA A 393 -1.35 -16.13 -1.79
CA ALA A 393 -2.68 -16.37 -2.34
C ALA A 393 -2.80 -15.68 -3.69
N ARG A 394 -2.27 -14.45 -3.76
CA ARG A 394 -2.30 -13.69 -4.99
C ARG A 394 -1.31 -14.21 -6.02
N ALA A 395 -0.17 -14.72 -5.53
CA ALA A 395 0.83 -15.27 -6.43
C ALA A 395 0.23 -16.47 -7.14
N ALA A 396 -0.55 -17.26 -6.40
CA ALA A 396 -1.20 -18.45 -6.95
C ALA A 396 -2.22 -18.02 -8.00
N TRP A 397 -3.03 -17.03 -7.66
CA TRP A 397 -4.04 -16.53 -8.56
C TRP A 397 -3.41 -15.99 -9.85
N GLU A 398 -2.40 -15.14 -9.70
CA GLU A 398 -1.73 -14.56 -10.86
C GLU A 398 -0.97 -15.60 -11.67
N THR A 399 -0.97 -16.84 -11.20
CA THR A 399 -0.30 -17.91 -11.90
C THR A 399 -1.23 -18.37 -13.01
N VAL A 400 -2.52 -18.43 -12.68
CA VAL A 400 -3.54 -18.83 -13.65
C VAL A 400 -3.95 -17.61 -14.47
N ARG A 401 -4.61 -16.67 -13.82
CA ARG A 401 -5.07 -15.47 -14.48
C ARG A 401 -3.97 -14.43 -14.66
N HIS A 402 -3.20 -14.56 -15.73
CA HIS A 402 -2.13 -13.61 -15.98
C HIS A 402 -2.71 -12.20 -16.04
N SER A 403 -2.16 -11.31 -15.23
CA SER A 403 -2.62 -9.93 -15.20
C SER A 403 -1.54 -9.00 -15.72
N PRO A 404 -1.94 -7.82 -16.22
CA PRO A 404 -1.00 -6.83 -16.76
C PRO A 404 0.13 -6.55 -15.77
N VAL A 405 -0.24 -6.33 -14.52
CA VAL A 405 0.73 -6.05 -13.47
C VAL A 405 0.72 -7.21 -12.46
N ASN A 406 1.90 -7.75 -12.18
CA ASN A 406 2.04 -8.86 -11.26
C ASN A 406 2.37 -8.37 -9.86
N SER A 407 1.83 -9.05 -8.85
CA SER A 407 2.09 -8.68 -7.47
C SER A 407 3.23 -9.55 -6.94
N TRP A 408 3.33 -10.77 -7.45
CA TRP A 408 4.38 -11.67 -7.02
C TRP A 408 5.78 -11.14 -7.30
N LEU A 409 5.97 -10.50 -8.44
CA LEU A 409 7.28 -9.96 -8.77
C LEU A 409 7.62 -8.89 -7.75
N GLY A 410 6.63 -8.04 -7.46
CA GLY A 410 6.83 -6.98 -6.49
C GLY A 410 7.17 -7.54 -5.12
N ASN A 411 6.47 -8.59 -4.71
CA ASN A 411 6.72 -9.20 -3.42
C ASN A 411 8.10 -9.85 -3.37
N ILE A 412 8.51 -10.48 -4.47
CA ILE A 412 9.82 -11.11 -4.51
C ILE A 412 10.90 -10.05 -4.31
N ILE A 413 10.71 -8.91 -4.97
CA ILE A 413 11.67 -7.82 -4.87
C ILE A 413 11.68 -7.15 -3.50
N GLN A 414 10.51 -6.79 -3.00
CA GLN A 414 10.44 -6.11 -1.70
C GLN A 414 10.77 -7.01 -0.51
N TYR A 415 10.47 -8.30 -0.63
CA TYR A 415 10.74 -9.23 0.46
C TYR A 415 11.74 -10.32 0.11
N ALA A 416 12.64 -10.00 -0.81
CA ALA A 416 13.66 -10.95 -1.26
C ALA A 416 14.41 -11.69 -0.16
N PRO A 417 14.71 -11.01 0.97
CA PRO A 417 15.44 -11.74 2.00
C PRO A 417 14.61 -12.65 2.91
N THR A 418 13.29 -12.64 2.76
CA THR A 418 12.42 -13.46 3.59
C THR A 418 12.48 -14.94 3.21
N ILE A 419 12.21 -15.82 4.17
CA ILE A 419 12.27 -17.25 3.87
C ILE A 419 11.14 -17.69 2.95
N TRP A 420 9.99 -17.02 3.04
CA TRP A 420 8.86 -17.41 2.18
C TRP A 420 9.09 -17.01 0.72
N VAL A 421 9.77 -15.89 0.50
CA VAL A 421 10.04 -15.48 -0.86
C VAL A 421 11.07 -16.41 -1.47
N ARG A 422 12.12 -16.69 -0.70
CA ARG A 422 13.22 -17.53 -1.15
C ARG A 422 12.88 -18.99 -1.41
N MET A 423 12.15 -19.62 -0.50
CA MET A 423 11.81 -21.03 -0.66
C MET A 423 10.57 -21.29 -1.47
N VAL A 424 9.62 -20.36 -1.44
CA VAL A 424 8.38 -20.54 -2.15
C VAL A 424 8.20 -19.76 -3.45
N LEU A 425 8.07 -18.45 -3.36
CA LEU A 425 7.88 -17.64 -4.57
C LEU A 425 8.97 -17.77 -5.62
N MET A 426 10.24 -17.65 -5.22
CA MET A 426 11.32 -17.78 -6.19
C MET A 426 11.32 -19.16 -6.86
N THR A 427 11.19 -20.20 -6.05
CA THR A 427 11.18 -21.57 -6.56
C THR A 427 10.02 -21.77 -7.53
N HIS A 428 8.83 -21.38 -7.10
CA HIS A 428 7.62 -21.53 -7.91
C HIS A 428 7.68 -20.77 -9.23
N PHE A 429 7.91 -19.46 -9.16
CA PHE A 429 7.94 -18.65 -10.35
C PHE A 429 9.07 -18.89 -11.32
N PHE A 430 10.25 -19.27 -10.85
CA PHE A 430 11.32 -19.54 -11.80
C PHE A 430 11.04 -20.87 -12.48
N SER A 431 10.28 -21.73 -11.81
CA SER A 431 9.92 -23.04 -12.38
C SER A 431 8.87 -22.78 -13.46
N ILE A 432 7.93 -21.89 -13.15
CA ILE A 432 6.88 -21.52 -14.10
C ILE A 432 7.48 -20.82 -15.32
N LEU A 433 8.42 -19.92 -15.08
CA LEU A 433 9.05 -19.19 -16.18
C LEU A 433 9.79 -20.11 -17.13
N MET A 434 10.47 -21.13 -16.59
CA MET A 434 11.19 -22.06 -17.44
C MET A 434 10.21 -23.00 -18.16
N ALA A 435 9.08 -23.28 -17.51
CA ALA A 435 8.06 -24.14 -18.11
C ALA A 435 7.42 -23.43 -19.29
N GLN A 436 7.17 -22.14 -19.14
CA GLN A 436 6.57 -21.32 -20.19
C GLN A 436 7.66 -20.87 -21.17
N ASP A 437 8.90 -20.96 -20.72
CA ASP A 437 10.06 -20.56 -21.53
C ASP A 437 10.05 -19.05 -21.79
N THR A 438 9.71 -18.27 -20.76
CA THR A 438 9.66 -16.82 -20.89
C THR A 438 10.53 -16.12 -19.84
N LEU A 439 11.68 -16.71 -19.52
CA LEU A 439 12.58 -16.14 -18.52
C LEU A 439 13.03 -14.69 -18.74
N ASP A 440 13.56 -14.38 -19.91
CA ASP A 440 14.04 -13.02 -20.15
C ASP A 440 12.94 -12.01 -20.42
N GLN A 441 11.70 -12.46 -20.50
CA GLN A 441 10.59 -11.56 -20.76
C GLN A 441 10.38 -10.56 -19.62
N ASN A 442 10.34 -9.27 -19.98
CA ASN A 442 10.14 -8.21 -19.00
C ASN A 442 8.71 -8.19 -18.49
N LEU A 443 8.56 -8.10 -17.18
CA LEU A 443 7.25 -8.08 -16.56
C LEU A 443 6.98 -6.77 -15.82
N ASN A 444 5.71 -6.45 -15.67
CA ASN A 444 5.34 -5.24 -14.97
C ASN A 444 4.79 -5.56 -13.59
N PHE A 445 5.20 -4.77 -12.62
CA PHE A 445 4.74 -4.98 -11.26
C PHE A 445 4.66 -3.63 -10.61
N GLU A 446 4.12 -3.61 -9.42
CA GLU A 446 3.96 -2.36 -8.73
C GLU A 446 4.51 -2.28 -7.32
N MET A 447 4.97 -1.05 -7.05
CA MET A 447 5.54 -0.60 -5.78
C MET A 447 4.75 0.70 -5.49
N TYR A 448 3.43 0.51 -5.60
CA TYR A 448 2.35 1.51 -5.41
C TYR A 448 2.48 2.98 -5.84
N GLY A 449 3.66 3.42 -6.30
CA GLY A 449 3.77 4.80 -6.80
C GLY A 449 4.15 4.74 -8.29
N SER A 450 4.44 3.52 -8.73
CA SER A 450 4.79 3.29 -10.10
C SER A 450 4.55 1.83 -10.42
N VAL A 451 4.68 1.55 -11.71
CA VAL A 451 4.52 0.23 -12.29
C VAL A 451 5.85 0.07 -12.98
N TYR A 452 6.69 -0.82 -12.47
CA TYR A 452 7.99 -1.01 -13.08
C TYR A 452 7.98 -2.19 -14.04
N SER A 453 9.00 -2.22 -14.90
CA SER A 453 9.21 -3.27 -15.88
C SER A 453 10.61 -3.82 -15.65
N VAL A 454 10.68 -5.11 -15.35
CA VAL A 454 11.96 -5.76 -15.11
C VAL A 454 11.93 -7.19 -15.61
N SER A 455 13.11 -7.71 -15.91
CA SER A 455 13.25 -9.08 -16.36
C SER A 455 13.66 -9.90 -15.13
N PRO A 456 12.97 -11.02 -14.87
CA PRO A 456 13.31 -11.85 -13.72
C PRO A 456 14.79 -12.23 -13.73
N LEU A 457 15.38 -12.29 -14.92
CA LEU A 457 16.79 -12.64 -15.07
C LEU A 457 17.71 -11.56 -14.47
N ASP A 458 17.13 -10.43 -14.10
CA ASP A 458 17.88 -9.32 -13.51
C ASP A 458 17.64 -9.23 -12.00
N LEU A 459 16.93 -10.22 -11.46
CA LEU A 459 16.62 -10.20 -10.03
C LEU A 459 17.80 -10.24 -9.08
N PRO A 460 18.84 -11.05 -9.38
CA PRO A 460 19.97 -11.07 -8.44
C PRO A 460 20.66 -9.71 -8.27
N ALA A 461 20.81 -8.98 -9.37
CA ALA A 461 21.45 -7.67 -9.32
C ALA A 461 20.55 -6.68 -8.59
N ILE A 462 19.27 -6.74 -8.91
CA ILE A 462 18.28 -5.86 -8.30
C ILE A 462 18.20 -6.09 -6.80
N ILE A 463 18.22 -7.36 -6.41
CA ILE A 463 18.14 -7.71 -5.00
C ILE A 463 19.40 -7.31 -4.25
N GLU A 464 20.56 -7.50 -4.85
CA GLU A 464 21.80 -7.13 -4.19
C GLU A 464 21.81 -5.64 -3.90
N ARG A 465 21.55 -4.83 -4.93
CA ARG A 465 21.53 -3.39 -4.76
C ARG A 465 20.47 -2.95 -3.76
N LEU A 466 19.36 -3.67 -3.72
CA LEU A 466 18.27 -3.32 -2.82
C LEU A 466 18.41 -3.84 -1.39
N HIS A 467 18.96 -5.06 -1.24
CA HIS A 467 19.10 -5.65 0.09
C HIS A 467 20.51 -6.10 0.45
N GLY A 468 21.44 -6.00 -0.50
CA GLY A 468 22.81 -6.43 -0.24
C GLY A 468 22.98 -7.92 -0.46
N LEU A 469 24.23 -8.36 -0.60
CA LEU A 469 24.54 -9.78 -0.82
C LEU A 469 23.96 -10.70 0.25
N ASP A 470 23.84 -10.20 1.47
CA ASP A 470 23.31 -11.01 2.56
C ASP A 470 21.93 -11.57 2.26
N ALA A 471 21.22 -10.97 1.31
CA ALA A 471 19.90 -11.45 0.96
C ALA A 471 19.97 -12.87 0.39
N PHE A 472 21.17 -13.27 -0.05
CA PHE A 472 21.39 -14.59 -0.61
C PHE A 472 22.05 -15.54 0.39
N SER A 473 22.32 -15.06 1.60
CA SER A 473 22.98 -15.90 2.60
C SER A 473 22.32 -15.96 3.97
N LEU A 474 21.18 -15.30 4.11
CA LEU A 474 20.48 -15.29 5.40
C LEU A 474 20.08 -16.70 5.83
N HIS A 475 20.17 -16.96 7.13
CA HIS A 475 19.80 -18.26 7.67
C HIS A 475 19.48 -18.14 9.16
N THR A 476 18.95 -19.21 9.72
CA THR A 476 18.58 -19.25 11.13
C THR A 476 17.50 -18.20 11.41
N TYR A 477 16.37 -18.34 10.74
CA TYR A 477 15.24 -17.44 10.90
C TYR A 477 14.60 -17.69 12.27
N THR A 478 13.79 -16.75 12.75
CA THR A 478 13.15 -16.89 14.05
C THR A 478 11.97 -17.86 14.02
N PRO A 479 11.72 -18.58 15.12
CA PRO A 479 10.60 -19.51 15.16
C PRO A 479 9.26 -18.82 14.93
N HIS A 480 9.18 -17.54 15.27
CA HIS A 480 7.94 -16.80 15.06
C HIS A 480 7.68 -16.67 13.56
N GLU A 481 8.74 -16.34 12.82
CA GLU A 481 8.66 -16.19 11.37
C GLU A 481 8.37 -17.53 10.70
N LEU A 482 9.07 -18.57 11.13
CA LEU A 482 8.89 -19.90 10.57
C LEU A 482 7.47 -20.41 10.80
N THR A 483 6.97 -20.19 12.01
CA THR A 483 5.63 -20.63 12.34
C THR A 483 4.59 -19.91 11.51
N ARG A 484 4.77 -18.60 11.34
CA ARG A 484 3.84 -17.80 10.56
C ARG A 484 3.83 -18.26 9.12
N VAL A 485 5.01 -18.49 8.55
CA VAL A 485 5.08 -18.95 7.16
C VAL A 485 4.41 -20.31 7.01
N ALA A 486 4.73 -21.23 7.93
CA ALA A 486 4.15 -22.57 7.89
C ALA A 486 2.63 -22.52 8.02
N SER A 487 2.12 -21.61 8.85
CA SER A 487 0.66 -21.48 9.03
C SER A 487 0.02 -20.96 7.74
N ALA A 488 0.69 -20.03 7.08
CA ALA A 488 0.15 -19.48 5.84
C ALA A 488 0.00 -20.58 4.79
N LEU A 489 1.03 -21.42 4.67
CA LEU A 489 1.02 -22.51 3.69
C LEU A 489 -0.11 -23.51 3.97
N ARG A 490 -0.39 -23.77 5.25
CA ARG A 490 -1.48 -24.68 5.63
C ARG A 490 -2.81 -24.06 5.21
N LYS A 491 -3.05 -22.83 5.65
CA LYS A 491 -4.28 -22.12 5.32
C LYS A 491 -4.51 -22.11 3.82
N LEU A 492 -3.42 -21.99 3.07
CA LEU A 492 -3.50 -21.98 1.61
C LEU A 492 -3.67 -23.38 1.03
N GLY A 493 -3.33 -24.40 1.81
CA GLY A 493 -3.43 -25.75 1.32
C GLY A 493 -2.28 -26.03 0.37
N ALA A 494 -1.16 -25.36 0.61
CA ALA A 494 0.02 -25.52 -0.23
C ALA A 494 1.05 -26.42 0.46
N PRO A 495 1.97 -27.00 -0.32
CA PRO A 495 2.98 -27.87 0.30
C PRO A 495 3.85 -27.14 1.31
N PRO A 496 4.24 -27.83 2.40
CA PRO A 496 5.08 -27.24 3.44
C PRO A 496 6.47 -26.92 2.96
N LEU A 497 7.18 -26.09 3.71
CA LEU A 497 8.53 -25.69 3.36
C LEU A 497 9.48 -26.84 3.02
N ARG A 498 9.44 -27.91 3.81
CA ARG A 498 10.33 -29.04 3.55
C ARG A 498 10.18 -29.59 2.13
N ALA A 499 9.00 -29.43 1.55
CA ALA A 499 8.74 -29.89 0.19
C ALA A 499 9.33 -28.89 -0.81
N TRP A 500 9.17 -27.60 -0.54
CA TRP A 500 9.72 -26.57 -1.43
C TRP A 500 11.24 -26.66 -1.50
N LYS A 501 11.86 -27.02 -0.38
CA LYS A 501 13.30 -27.13 -0.34
C LYS A 501 13.76 -28.19 -1.33
N SER A 502 12.98 -29.27 -1.45
CA SER A 502 13.30 -30.35 -2.40
C SER A 502 13.18 -29.79 -3.81
N ARG A 503 12.08 -29.09 -4.08
CA ARG A 503 11.82 -28.50 -5.39
C ARG A 503 12.87 -27.47 -5.81
N ALA A 504 13.34 -26.66 -4.86
CA ALA A 504 14.34 -25.65 -5.16
C ALA A 504 15.57 -26.23 -5.82
N ARG A 505 15.99 -27.41 -5.37
CA ARG A 505 17.17 -28.07 -5.95
C ARG A 505 17.06 -28.19 -7.48
N ALA A 506 15.97 -28.79 -7.93
CA ALA A 506 15.72 -28.99 -9.35
C ALA A 506 15.68 -27.66 -10.09
N VAL A 507 14.96 -26.70 -9.54
CA VAL A 507 14.86 -25.38 -10.17
C VAL A 507 16.25 -24.80 -10.34
N ARG A 508 17.04 -24.88 -9.26
CA ARG A 508 18.41 -24.37 -9.28
C ARG A 508 19.25 -25.01 -10.40
N ALA A 509 19.28 -26.34 -10.43
CA ALA A 509 20.05 -27.06 -11.45
C ALA A 509 19.57 -26.74 -12.86
N SER A 510 18.26 -26.62 -13.04
CA SER A 510 17.70 -26.29 -14.34
C SER A 510 18.19 -24.92 -14.80
N LEU A 511 18.18 -23.96 -13.89
CA LEU A 511 18.64 -22.61 -14.22
C LEU A 511 20.11 -22.63 -14.61
N ILE A 512 20.92 -23.38 -13.87
CA ILE A 512 22.35 -23.45 -14.17
C ILE A 512 22.64 -24.08 -15.52
N SER A 513 21.92 -25.15 -15.86
CA SER A 513 22.11 -25.82 -17.14
C SER A 513 21.94 -24.84 -18.29
N ARG A 514 21.09 -23.85 -18.08
CA ARG A 514 20.83 -22.84 -19.11
C ARG A 514 21.94 -21.82 -19.22
N GLY A 515 22.86 -21.82 -18.26
CA GLY A 515 23.96 -20.86 -18.29
C GLY A 515 23.47 -19.43 -18.37
N GLY A 516 24.39 -18.51 -18.65
CA GLY A 516 24.02 -17.11 -18.76
C GLY A 516 23.45 -16.51 -17.48
N ARG A 517 22.55 -15.54 -17.62
CA ARG A 517 21.93 -14.91 -16.46
C ARG A 517 21.15 -15.94 -15.66
N ALA A 518 20.49 -16.85 -16.37
CA ALA A 518 19.71 -17.89 -15.73
C ALA A 518 20.60 -18.65 -14.74
N ALA A 519 21.86 -18.85 -15.13
CA ALA A 519 22.82 -19.55 -14.27
C ALA A 519 23.09 -18.71 -13.02
N VAL A 520 23.23 -17.40 -13.21
CA VAL A 520 23.49 -16.50 -12.10
C VAL A 520 22.32 -16.54 -11.13
N CYS A 521 21.10 -16.50 -11.67
CA CYS A 521 19.90 -16.56 -10.84
C CYS A 521 19.94 -17.83 -10.02
N GLY A 522 20.29 -18.94 -10.68
CA GLY A 522 20.35 -20.21 -10.00
C GLY A 522 21.37 -20.25 -8.87
N ARG A 523 22.62 -19.91 -9.18
CA ARG A 523 23.66 -19.92 -8.18
C ARG A 523 23.42 -18.95 -7.03
N TYR A 524 22.95 -17.74 -7.34
CA TYR A 524 22.69 -16.74 -6.32
C TYR A 524 21.37 -16.89 -5.56
N LEU A 525 20.25 -16.84 -6.27
CA LEU A 525 18.95 -16.95 -5.64
C LEU A 525 18.70 -18.27 -4.91
N PHE A 526 19.37 -19.33 -5.32
CA PHE A 526 19.15 -20.63 -4.68
C PHE A 526 20.37 -21.25 -4.01
N ASN A 527 21.30 -20.42 -3.56
CA ASN A 527 22.49 -20.94 -2.91
C ASN A 527 22.11 -21.58 -1.58
N TRP A 528 20.94 -21.21 -1.06
CA TRP A 528 20.45 -21.76 0.19
C TRP A 528 19.98 -23.19 0.05
N ALA A 529 19.70 -23.59 -1.19
CA ALA A 529 19.19 -24.93 -1.48
C ALA A 529 20.21 -26.08 -1.57
N VAL A 530 21.51 -25.77 -1.56
CA VAL A 530 22.52 -26.82 -1.65
C VAL A 530 23.38 -26.86 -0.38
N LYS A 531 23.72 -28.06 0.07
CA LYS A 531 24.52 -28.22 1.28
C LYS A 531 25.91 -27.62 1.14
N THR A 532 26.53 -27.81 -0.03
CA THR A 532 27.85 -27.25 -0.28
C THR A 532 27.66 -25.93 -1.01
N LYS A 533 27.51 -24.86 -0.25
CA LYS A 533 27.28 -23.54 -0.81
C LYS A 533 28.39 -22.99 -1.68
N LEU A 534 27.99 -22.29 -2.73
CA LEU A 534 28.93 -21.65 -3.64
C LEU A 534 29.30 -20.36 -2.93
N LYS A 535 30.42 -19.77 -3.34
CA LYS A 535 30.90 -18.56 -2.71
C LYS A 535 30.03 -17.31 -2.85
N LEU A 536 29.72 -16.91 -4.09
CA LEU A 536 28.90 -15.71 -4.33
C LEU A 536 29.65 -14.42 -4.08
N THR A 537 29.96 -13.72 -5.16
CA THR A 537 30.68 -12.46 -5.11
C THR A 537 29.82 -11.32 -5.65
N PRO A 538 30.26 -10.08 -5.44
CA PRO A 538 29.51 -8.91 -5.93
C PRO A 538 29.24 -8.96 -7.43
N LEU A 539 28.05 -8.53 -7.82
CA LEU A 539 27.63 -8.53 -9.22
C LEU A 539 27.66 -7.11 -9.79
N PRO A 540 27.36 -6.95 -11.10
CA PRO A 540 27.36 -5.62 -11.70
C PRO A 540 26.17 -4.83 -11.18
N GLU A 541 25.92 -4.96 -9.88
CA GLU A 541 24.82 -4.28 -9.20
C GLU A 541 25.06 -2.78 -9.15
N ALA A 542 26.33 -2.39 -9.08
CA ALA A 542 26.70 -0.98 -9.04
C ALA A 542 26.53 -0.40 -10.43
N ARG A 543 25.29 -0.40 -10.92
CA ARG A 543 25.00 0.11 -12.26
C ARG A 543 23.54 0.53 -12.34
N LEU A 544 22.88 0.62 -11.19
CA LEU A 544 21.47 1.01 -11.18
C LEU A 544 21.02 1.61 -9.84
N LEU A 545 19.92 2.34 -9.89
CA LEU A 545 19.35 2.97 -8.70
C LEU A 545 17.85 3.11 -8.90
N ASP A 546 17.07 2.80 -7.86
CA ASP A 546 15.62 2.87 -7.94
C ASP A 546 15.04 4.14 -7.33
N LEU A 547 13.81 4.45 -7.70
CA LEU A 547 13.12 5.64 -7.23
C LEU A 547 12.22 5.33 -6.02
N SER A 548 11.38 4.31 -6.16
CA SER A 548 10.46 3.92 -5.09
C SER A 548 11.17 3.24 -3.93
S SO4 B . -5.00 7.73 -12.26
O1 SO4 B . -4.28 8.46 -11.21
O2 SO4 B . -4.14 6.70 -12.84
O3 SO4 B . -6.19 7.08 -11.68
O4 SO4 B . -5.41 8.69 -13.31
S SO4 C . -6.03 2.56 -23.27
O1 SO4 C . -6.41 2.03 -21.96
O2 SO4 C . -4.62 2.23 -23.54
O3 SO4 C . -6.89 1.96 -24.31
O4 SO4 C . -6.22 4.03 -23.29
S SO4 D . 21.42 -14.78 -21.57
O1 SO4 D . 22.07 -14.56 -20.26
O2 SO4 D . 21.78 -13.68 -22.48
O3 SO4 D . 21.88 -16.06 -22.13
O4 SO4 D . 19.95 -14.81 -21.39
S SO4 E . 25.05 -30.47 -2.62
O1 SO4 E . 24.32 -30.42 -1.33
O2 SO4 E . 26.17 -29.51 -2.58
O3 SO4 E . 25.58 -31.83 -2.82
O4 SO4 E . 24.15 -30.12 -3.72
S SO4 F . -26.13 -0.22 -1.74
O1 SO4 F . -26.05 -0.05 -0.27
O2 SO4 F . -24.89 0.25 -2.36
O3 SO4 F . -26.35 -1.63 -2.06
O4 SO4 F . -27.27 0.58 -2.25
S SO4 G . -24.80 17.21 2.03
O1 SO4 G . -25.20 17.01 3.43
O2 SO4 G . -24.56 18.64 1.77
O3 SO4 G . -23.55 16.46 1.75
O4 SO4 G . -25.87 16.72 1.14
S SO4 H . -10.70 -26.74 -0.91
O1 SO4 H . -11.29 -26.41 0.40
O2 SO4 H . -9.29 -26.32 -0.95
O3 SO4 H . -10.77 -28.21 -1.12
O4 SO4 H . -11.45 -26.06 -1.99
N1 JPC I . 18.17 -24.03 7.06
C2 JPC I . 19.10 -24.98 7.84
C3 JPC I . 19.17 -26.40 7.22
C4 JPC I . 18.71 -25.16 9.36
C5 JPC I . 18.80 -23.42 5.91
O6 JPC I . 19.96 -23.63 5.57
C7 JPC I . 18.04 -22.43 5.01
C8 JPC I . 18.35 -21.03 5.14
C9 JPC I . 17.68 -20.05 4.35
C10 JPC I . 16.69 -20.46 3.39
C11 JPC I . 16.37 -21.86 3.24
C12 JPC I . 17.03 -22.86 4.03
CL13 JPC I . 15.90 -19.28 2.46
CL14 JPC I . 16.58 -24.55 3.77
C15 JPC I . 16.81 -23.78 7.47
C16 JPC I . 16.25 -22.70 8.19
S17 JPC I . 14.56 -22.83 8.44
C18 JPC I . 14.46 -24.32 7.62
C19 JPC I . 15.71 -24.67 7.18
C20 JPC I . 16.98 -21.52 8.71
O21 JPC I . 16.34 -20.66 9.32
O22 JPC I . 18.21 -21.48 8.47
C23 JPC I . 13.20 -25.11 7.42
C24 JPC I . 12.05 -24.89 8.29
C25 JPC I . 10.84 -25.64 8.12
C26 JPC I . 10.75 -26.63 7.08
C27 JPC I . 11.87 -26.86 6.20
C28 JPC I . 13.07 -26.12 6.37
#